data_4EDT
#
_entry.id   4EDT
#
_cell.length_a   152.164
_cell.length_b   152.164
_cell.length_c   38.769
_cell.angle_alpha   90.000
_cell.angle_beta   90.000
_cell.angle_gamma   120.000
#
_symmetry.space_group_name_H-M   'P 61'
#
loop_
_entity.id
_entity.type
_entity.pdbx_description
1 polymer 'DNA primase'
2 non-polymer BENZAMIDINE
3 non-polymer "GUANOSINE-5',3'-TETRAPHOSPHATE"
4 non-polymer 'MANGANESE (II) ION'
5 water water
#
_entity_poly.entity_id   1
_entity_poly.type   'polypeptide(L)'
_entity_poly.pdbx_seq_one_letter_code
;SNADDLQMIEMHELIQEFYYYALTKTVEGEQALTYLQERGFTDALIKERGIGFAPDSSHFCHDFLQKKGYDIELAYEAGL
LSRNEENFSYYDRFRNRIMFPLKNAQGRIVGYSGRTYTGQEPKYLNSPETPIFQKRKLLYNLDKARKSIRKLDEIVLLEG
FMDVIKSDTAGLKNVVATMGTQLSDEHITFIRKLTSNITLMFDGDFAGSEATLKTGQHLLQQGLNVFVIQLPSGMDPDEY
IGKYGNDAFTTFVKNDKKSFAHYKVSILKDEIAHNDLSYERYLKELSHDISLMKSSILQQKAINDVAPFFNVSPEQLANE
IQFNQAPAN
;
_entity_poly.pdbx_strand_id   A
#
loop_
_chem_comp.id
_chem_comp.type
_chem_comp.name
_chem_comp.formula
BEN non-polymer BENZAMIDINE 'C7 H8 N2'
G4P RNA linking GUANOSINE-5',3'-TETRAPHOSPHATE 'C10 H17 N5 O17 P4'
MN non-polymer 'MANGANESE (II) ION' 'Mn 2'
#
# COMPACT_ATOMS: atom_id res chain seq x y z
N SER A 1 25.23 -1.48 12.26
CA SER A 1 26.27 -1.62 11.23
C SER A 1 25.73 -2.40 10.05
N ASN A 2 26.44 -2.33 8.93
CA ASN A 2 26.05 -3.10 7.74
C ASN A 2 26.09 -4.59 8.03
N ALA A 3 27.05 -5.01 8.84
CA ALA A 3 27.17 -6.41 9.21
C ALA A 3 25.96 -6.86 10.03
N ASP A 4 25.50 -6.02 10.95
CA ASP A 4 24.34 -6.36 11.76
C ASP A 4 23.07 -6.37 10.92
N ASP A 5 22.99 -5.43 9.97
CA ASP A 5 21.84 -5.33 9.08
C ASP A 5 21.70 -6.62 8.31
N LEU A 6 22.83 -7.13 7.82
CA LEU A 6 22.86 -8.37 7.06
C LEU A 6 22.39 -9.57 7.90
N GLN A 7 22.84 -9.63 9.15
CA GLN A 7 22.38 -10.68 10.07
CA GLN A 7 22.39 -10.69 10.05
C GLN A 7 20.87 -10.65 10.22
N MET A 8 20.33 -9.46 10.35
CA MET A 8 18.88 -9.29 10.54
C MET A 8 18.10 -9.76 9.32
N ILE A 9 18.64 -9.47 8.14
CA ILE A 9 18.04 -9.94 6.89
C ILE A 9 18.10 -11.47 6.82
N GLU A 10 19.26 -12.03 7.14
CA GLU A 10 19.41 -13.49 7.19
C GLU A 10 18.38 -14.14 8.09
N MET A 11 18.18 -13.58 9.28
CA MET A 11 17.17 -14.08 10.20
C MET A 11 15.80 -14.14 9.54
N HIS A 12 15.42 -13.06 8.87
CA HIS A 12 14.15 -13.00 8.16
C HIS A 12 14.06 -14.02 7.04
N GLU A 13 15.13 -14.16 6.27
CA GLU A 13 15.10 -15.06 5.12
C GLU A 13 15.14 -16.53 5.51
N LEU A 14 15.79 -16.83 6.63
CA LEU A 14 15.83 -18.20 7.12
C LEU A 14 14.51 -18.62 7.78
N ILE A 15 13.96 -17.76 8.63
CA ILE A 15 12.70 -18.12 9.29
C ILE A 15 11.55 -18.22 8.27
N GLN A 16 11.68 -17.51 7.15
CA GLN A 16 10.67 -17.59 6.10
C GLN A 16 10.46 -19.02 5.61
N GLU A 17 11.55 -19.76 5.47
CA GLU A 17 11.48 -21.15 5.04
C GLU A 17 10.70 -21.98 6.05
N PHE A 18 10.91 -21.68 7.33
CA PHE A 18 10.22 -22.40 8.40
C PHE A 18 8.74 -22.03 8.46
N TYR A 19 8.43 -20.75 8.28
CA TYR A 19 7.04 -20.30 8.25
C TYR A 19 6.29 -20.94 7.08
N TYR A 20 6.94 -21.02 5.93
CA TYR A 20 6.32 -21.63 4.75
C TYR A 20 6.01 -23.12 4.96
N TYR A 21 6.96 -23.85 5.54
CA TYR A 21 6.71 -25.26 5.88
C TYR A 21 5.58 -25.38 6.90
N ALA A 22 5.58 -24.52 7.91
CA ALA A 22 4.53 -24.53 8.93
C ALA A 22 3.14 -24.40 8.33
N LEU A 23 3.00 -23.47 7.38
CA LEU A 23 1.72 -23.22 6.74
C LEU A 23 1.29 -24.36 5.82
N THR A 24 2.21 -24.80 4.97
CA THR A 24 1.84 -25.68 3.86
C THR A 24 1.82 -27.16 4.24
N LYS A 25 2.55 -27.54 5.29
CA LYS A 25 2.75 -28.95 5.60
C LYS A 25 2.28 -29.41 6.98
N THR A 26 2.32 -28.54 7.99
CA THR A 26 2.08 -29.00 9.36
C THR A 26 0.61 -29.01 9.79
N VAL A 27 0.31 -29.82 10.80
CA VAL A 27 -1.06 -29.94 11.31
C VAL A 27 -1.58 -28.59 11.81
N GLU A 28 -0.77 -27.91 12.61
CA GLU A 28 -1.20 -26.62 13.19
C GLU A 28 -1.49 -25.56 12.12
N GLY A 29 -0.80 -25.64 10.98
CA GLY A 29 -1.01 -24.65 9.93
C GLY A 29 -2.25 -24.87 9.07
N GLU A 30 -2.95 -25.98 9.28
CA GLU A 30 -4.03 -26.37 8.37
C GLU A 30 -5.19 -25.38 8.26
N GLN A 31 -5.62 -24.83 9.40
CA GLN A 31 -6.71 -23.87 9.39
C GLN A 31 -6.32 -22.59 8.66
N ALA A 32 -5.11 -22.09 8.91
CA ALA A 32 -4.64 -20.91 8.20
C ALA A 32 -4.55 -21.17 6.70
N LEU A 33 -4.08 -22.36 6.32
CA LEU A 33 -3.98 -22.70 4.90
C LEU A 33 -5.35 -22.70 4.25
N THR A 34 -6.32 -23.32 4.92
CA THR A 34 -7.70 -23.32 4.41
C THR A 34 -8.23 -21.91 4.23
N TYR A 35 -8.00 -21.04 5.22
CA TYR A 35 -8.45 -19.65 5.14
C TYR A 35 -7.92 -18.94 3.90
N LEU A 36 -6.63 -19.10 3.62
CA LEU A 36 -6.01 -18.49 2.45
C LEU A 36 -6.60 -19.04 1.16
N GLN A 37 -6.77 -20.36 1.10
CA GLN A 37 -7.31 -21.00 -0.10
C GLN A 37 -8.73 -20.54 -0.41
N GLU A 38 -9.55 -20.41 0.63
CA GLU A 38 -10.92 -19.92 0.46
C GLU A 38 -10.93 -18.45 0.07
N ARG A 39 -9.82 -17.77 0.28
CA ARG A 39 -9.72 -16.36 -0.08
C ARG A 39 -9.02 -16.21 -1.43
N GLY A 40 -8.90 -17.31 -2.15
CA GLY A 40 -8.41 -17.29 -3.52
C GLY A 40 -6.93 -17.54 -3.71
N PHE A 41 -6.20 -17.76 -2.62
CA PHE A 41 -4.77 -18.02 -2.72
C PHE A 41 -4.51 -19.44 -3.20
N THR A 42 -3.95 -19.58 -4.39
CA THR A 42 -3.57 -20.88 -4.90
C THR A 42 -2.29 -21.30 -4.21
N ASP A 43 -1.93 -22.57 -4.33
CA ASP A 43 -0.67 -23.06 -3.79
C ASP A 43 0.49 -22.34 -4.49
N ALA A 44 0.31 -22.06 -5.77
CA ALA A 44 1.33 -21.36 -6.55
C ALA A 44 1.57 -19.94 -6.04
N LEU A 45 0.48 -19.22 -5.73
CA LEU A 45 0.59 -17.85 -5.26
C LEU A 45 1.18 -17.79 -3.85
N ILE A 46 0.81 -18.75 -3.03
CA ILE A 46 1.37 -18.88 -1.69
C ILE A 46 2.88 -19.09 -1.76
N LYS A 47 3.30 -19.95 -2.68
CA LYS A 47 4.72 -20.21 -2.87
C LYS A 47 5.43 -18.99 -3.46
N GLU A 48 4.79 -18.38 -4.45
CA GLU A 48 5.36 -17.20 -5.11
C GLU A 48 5.64 -16.06 -4.13
N ARG A 49 4.67 -15.77 -3.26
CA ARG A 49 4.81 -14.70 -2.27
C ARG A 49 5.54 -15.16 -1.01
N GLY A 50 5.82 -16.45 -0.90
CA GLY A 50 6.51 -16.98 0.27
C GLY A 50 5.72 -16.86 1.56
N ILE A 51 4.41 -16.93 1.44
CA ILE A 51 3.52 -16.77 2.58
C ILE A 51 3.64 -17.97 3.52
N GLY A 52 3.62 -17.71 4.83
CA GLY A 52 3.79 -18.76 5.81
C GLY A 52 2.86 -18.60 7.02
N PHE A 53 3.18 -19.32 8.09
CA PHE A 53 2.34 -19.35 9.29
C PHE A 53 3.25 -19.36 10.50
N ALA A 54 2.97 -18.46 11.45
CA ALA A 54 3.67 -18.47 12.74
C ALA A 54 2.83 -19.23 13.74
N PRO A 55 3.34 -20.38 14.24
CA PRO A 55 2.63 -21.18 15.24
C PRO A 55 2.39 -20.39 16.53
N ASP A 56 1.56 -20.91 17.43
CA ASP A 56 1.16 -20.14 18.60
C ASP A 56 2.00 -20.40 19.86
N SER A 57 3.07 -21.16 19.72
CA SER A 57 3.84 -21.59 20.90
C SER A 57 4.51 -20.45 21.66
N SER A 58 4.83 -19.37 20.95
CA SER A 58 5.56 -18.19 21.48
C SER A 58 7.08 -18.37 21.58
N HIS A 59 7.60 -19.52 21.17
CA HIS A 59 9.05 -19.71 21.13
C HIS A 59 9.53 -20.45 19.89
N PHE A 60 8.68 -20.50 18.87
CA PHE A 60 9.02 -21.12 17.59
C PHE A 60 10.17 -20.38 16.89
N CYS A 61 9.99 -19.08 16.67
CA CYS A 61 11.04 -18.28 16.03
C CYS A 61 12.25 -18.15 16.94
N HIS A 62 11.99 -17.95 18.23
CA HIS A 62 13.05 -17.84 19.22
C HIS A 62 14.00 -19.05 19.21
N ASP A 63 13.44 -20.26 19.34
CA ASP A 63 14.26 -21.46 19.41
C ASP A 63 15.04 -21.70 18.11
N PHE A 64 14.39 -21.43 16.99
CA PHE A 64 15.02 -21.55 15.68
C PHE A 64 16.26 -20.66 15.54
N LEU A 65 16.10 -19.38 15.83
CA LEU A 65 17.19 -18.43 15.71
C LEU A 65 18.30 -18.75 16.70
N GLN A 66 17.91 -19.21 17.88
CA GLN A 66 18.89 -19.61 18.89
C GLN A 66 19.71 -20.80 18.40
N LYS A 67 19.01 -21.80 17.86
CA LYS A 67 19.65 -23.00 17.34
C LYS A 67 20.63 -22.68 16.22
N LYS A 68 20.29 -21.70 15.39
CA LYS A 68 21.13 -21.29 14.27
C LYS A 68 22.28 -20.39 14.71
N GLY A 69 22.31 -20.06 16.00
CA GLY A 69 23.42 -19.31 16.55
C GLY A 69 23.30 -17.80 16.45
N TYR A 70 22.09 -17.31 16.23
CA TYR A 70 21.90 -15.86 16.21
C TYR A 70 21.82 -15.30 17.61
N ASP A 71 22.31 -14.07 17.77
CA ASP A 71 22.23 -13.36 19.03
C ASP A 71 20.77 -12.96 19.27
N ILE A 72 20.21 -13.40 20.39
CA ILE A 72 18.81 -13.17 20.70
C ILE A 72 18.44 -11.69 20.81
N GLU A 73 19.32 -10.90 21.40
CA GLU A 73 19.08 -9.46 21.52
C GLU A 73 19.00 -8.82 20.14
N LEU A 74 19.83 -9.28 19.22
CA LEU A 74 19.82 -8.76 17.85
C LEU A 74 18.52 -9.15 17.14
N ALA A 75 18.01 -10.34 17.47
CA ALA A 75 16.74 -10.81 16.92
C ALA A 75 15.60 -9.93 17.42
N TYR A 76 15.70 -9.50 18.68
CA TYR A 76 14.77 -8.52 19.21
C TYR A 76 14.84 -7.19 18.46
N GLU A 77 16.06 -6.70 18.23
CA GLU A 77 16.25 -5.45 17.51
CA GLU A 77 16.23 -5.44 17.51
C GLU A 77 15.76 -5.58 16.07
N ALA A 78 15.80 -6.80 15.55
CA ALA A 78 15.33 -7.06 14.18
C ALA A 78 13.80 -7.14 14.11
N GLY A 79 13.15 -7.04 15.26
CA GLY A 79 11.70 -7.03 15.33
C GLY A 79 11.02 -8.38 15.21
N LEU A 80 11.80 -9.46 15.35
CA LEU A 80 11.23 -10.81 15.28
C LEU A 80 10.83 -11.34 16.65
N LEU A 81 11.43 -10.78 17.69
CA LEU A 81 11.12 -11.21 19.05
C LEU A 81 10.65 -10.03 19.89
N SER A 82 9.80 -10.33 20.88
CA SER A 82 9.38 -9.33 21.87
C SER A 82 10.12 -9.59 23.17
N ARG A 83 10.13 -8.61 24.06
CA ARG A 83 10.83 -8.76 25.33
C ARG A 83 9.94 -8.45 26.53
N ASN A 84 9.93 -9.36 27.49
CA ASN A 84 9.19 -9.15 28.73
C ASN A 84 9.93 -8.12 29.61
N GLU A 85 9.26 -7.01 29.89
CA GLU A 85 9.86 -5.93 30.66
C GLU A 85 9.83 -6.20 32.16
N GLU A 86 9.80 -7.46 32.54
CA GLU A 86 9.80 -7.85 33.95
C GLU A 86 10.98 -8.77 34.25
N ASN A 87 11.06 -9.89 33.54
CA ASN A 87 12.13 -10.85 33.73
C ASN A 87 13.17 -10.80 32.61
N PHE A 88 13.04 -9.82 31.72
CA PHE A 88 13.96 -9.63 30.61
C PHE A 88 14.03 -10.83 29.67
N SER A 89 12.99 -11.65 29.66
CA SER A 89 12.92 -12.81 28.79
C SER A 89 12.46 -12.42 27.38
N TYR A 90 12.76 -13.26 26.40
CA TYR A 90 12.35 -13.01 25.02
C TYR A 90 11.34 -14.07 24.55
N TYR A 91 10.47 -13.67 23.62
CA TYR A 91 9.47 -14.57 23.05
C TYR A 91 9.05 -14.06 21.67
N ASP A 92 8.34 -14.90 20.91
CA ASP A 92 7.95 -14.54 19.53
C ASP A 92 7.01 -13.35 19.49
N ARG A 93 7.32 -12.38 18.63
CA ARG A 93 6.41 -11.27 18.39
C ARG A 93 5.20 -11.73 17.58
N PHE A 94 5.42 -12.66 16.67
CA PHE A 94 4.37 -13.14 15.78
C PHE A 94 3.86 -14.52 16.20
N ARG A 95 2.59 -14.60 16.59
CA ARG A 95 2.03 -15.84 17.12
C ARG A 95 0.64 -16.09 16.54
N ASN A 96 0.44 -17.31 16.01
CA ASN A 96 -0.84 -17.70 15.39
C ASN A 96 -1.28 -16.75 14.28
N ARG A 97 -0.34 -16.35 13.42
CA ARG A 97 -0.66 -15.45 12.32
C ARG A 97 -0.13 -15.94 10.97
N ILE A 98 -0.83 -15.56 9.92
CA ILE A 98 -0.37 -15.81 8.55
C ILE A 98 0.71 -14.78 8.23
N MET A 99 1.89 -15.27 7.84
CA MET A 99 3.06 -14.41 7.70
C MET A 99 3.36 -14.00 6.25
N PHE A 100 3.20 -12.72 5.97
CA PHE A 100 3.51 -12.15 4.65
C PHE A 100 4.86 -11.44 4.72
N PRO A 101 5.84 -11.94 3.96
CA PRO A 101 7.17 -11.30 3.95
C PRO A 101 7.09 -9.90 3.36
N LEU A 102 7.82 -8.97 3.95
CA LEU A 102 7.91 -7.62 3.41
C LEU A 102 9.31 -7.41 2.89
N LYS A 103 9.44 -7.31 1.57
CA LYS A 103 10.76 -7.17 0.95
C LYS A 103 11.10 -5.71 0.71
N ASN A 104 12.37 -5.35 0.93
CA ASN A 104 12.81 -3.98 0.63
C ASN A 104 12.95 -3.77 -0.87
N ALA A 105 13.47 -2.62 -1.26
CA ALA A 105 13.58 -2.27 -2.68
C ALA A 105 14.50 -3.20 -3.46
N GLN A 106 15.44 -3.84 -2.77
CA GLN A 106 16.37 -4.75 -3.41
C GLN A 106 15.90 -6.21 -3.35
N GLY A 107 14.69 -6.41 -2.84
CA GLY A 107 14.10 -7.74 -2.82
C GLY A 107 14.49 -8.62 -1.66
N ARG A 108 15.12 -8.05 -0.63
CA ARG A 108 15.47 -8.81 0.57
C ARG A 108 14.34 -8.71 1.59
N ILE A 109 14.08 -9.79 2.31
CA ILE A 109 13.04 -9.74 3.34
C ILE A 109 13.56 -9.01 4.56
N VAL A 110 12.88 -7.94 4.94
CA VAL A 110 13.33 -7.11 6.07
C VAL A 110 12.29 -7.00 7.16
N GLY A 111 11.12 -7.59 6.93
CA GLY A 111 10.05 -7.54 7.92
C GLY A 111 8.92 -8.48 7.57
N TYR A 112 7.89 -8.50 8.43
CA TYR A 112 6.70 -9.31 8.18
C TYR A 112 5.44 -8.54 8.50
N SER A 113 4.37 -8.84 7.78
CA SER A 113 3.03 -8.48 8.25
C SER A 113 2.30 -9.77 8.60
N GLY A 114 1.86 -9.88 9.84
CA GLY A 114 1.18 -11.09 10.29
C GLY A 114 -0.31 -10.86 10.43
N ARG A 115 -1.09 -11.54 9.60
CA ARG A 115 -2.54 -11.40 9.66
C ARG A 115 -3.19 -12.48 10.51
N THR A 116 -4.15 -12.05 11.33
CA THR A 116 -4.98 -13.01 12.05
C THR A 116 -5.84 -13.75 11.05
N TYR A 117 -6.35 -14.91 11.43
CA TYR A 117 -7.31 -15.62 10.60
C TYR A 117 -8.43 -16.13 11.51
N THR A 118 -8.44 -15.63 12.73
CA THR A 118 -9.45 -15.99 13.71
C THR A 118 -10.14 -14.76 14.31
N GLY A 119 -10.05 -13.64 13.60
CA GLY A 119 -10.68 -12.40 14.03
C GLY A 119 -10.06 -11.77 15.26
N GLN A 120 -8.76 -11.97 15.46
CA GLN A 120 -8.07 -11.35 16.59
C GLN A 120 -7.63 -9.92 16.28
N GLU A 121 -7.24 -9.18 17.32
CA GLU A 121 -6.79 -7.80 17.18
C GLU A 121 -5.33 -7.66 17.58
N PRO A 122 -4.55 -6.90 16.79
CA PRO A 122 -4.99 -6.24 15.56
C PRO A 122 -5.09 -7.23 14.41
N LYS A 123 -5.90 -6.93 13.40
CA LYS A 123 -6.04 -7.79 12.22
C LYS A 123 -4.68 -8.06 11.60
N TYR A 124 -3.92 -6.99 11.35
CA TYR A 124 -2.56 -7.11 10.82
C TYR A 124 -1.55 -6.60 11.84
N LEU A 125 -0.54 -7.40 12.12
CA LEU A 125 0.56 -6.98 12.99
C LEU A 125 1.83 -6.93 12.17
N ASN A 126 2.41 -5.73 12.04
CA ASN A 126 3.64 -5.53 11.30
C ASN A 126 4.88 -5.61 12.19
N SER A 127 6.03 -5.84 11.56
CA SER A 127 7.32 -5.62 12.21
C SER A 127 7.36 -4.19 12.75
N PRO A 128 8.05 -3.97 13.87
CA PRO A 128 8.25 -2.60 14.35
C PRO A 128 9.33 -1.93 13.51
N GLU A 129 9.52 -0.62 13.66
CA GLU A 129 10.65 0.06 13.04
C GLU A 129 11.96 -0.60 13.51
N THR A 130 12.84 -0.92 12.56
CA THR A 130 14.13 -1.53 12.86
C THR A 130 15.19 -0.88 11.96
N PRO A 131 16.47 -1.24 12.12
CA PRO A 131 17.43 -0.63 11.16
C PRO A 131 17.21 -1.04 9.71
N ILE A 132 16.48 -2.12 9.45
CA ILE A 132 16.28 -2.57 8.07
C ILE A 132 14.83 -2.41 7.59
N PHE A 133 13.92 -2.24 8.54
CA PHE A 133 12.52 -2.03 8.19
C PHE A 133 12.04 -0.66 8.65
N GLN A 134 11.79 0.21 7.68
CA GLN A 134 11.36 1.57 7.94
C GLN A 134 10.15 1.90 7.09
N LYS A 135 9.00 2.10 7.74
CA LYS A 135 7.75 2.30 7.01
C LYS A 135 7.73 3.55 6.12
N ARG A 136 8.48 4.57 6.50
CA ARG A 136 8.51 5.80 5.71
C ARG A 136 9.33 5.62 4.41
N LYS A 137 10.03 4.49 4.29
CA LYS A 137 10.81 4.22 3.08
C LYS A 137 10.29 3.04 2.27
N LEU A 138 9.78 2.02 2.95
CA LEU A 138 9.40 0.78 2.26
C LEU A 138 8.07 0.92 1.54
N LEU A 139 8.03 0.42 0.31
CA LEU A 139 6.79 0.33 -0.47
C LEU A 139 6.60 -1.13 -0.85
N TYR A 140 5.53 -1.74 -0.35
CA TYR A 140 5.27 -3.14 -0.62
C TYR A 140 5.22 -3.38 -2.12
N ASN A 141 5.91 -4.43 -2.56
CA ASN A 141 5.92 -4.89 -3.95
C ASN A 141 6.81 -4.06 -4.90
N LEU A 142 7.48 -3.04 -4.38
CA LEU A 142 8.25 -2.16 -5.26
C LEU A 142 9.34 -2.90 -6.07
N ASP A 143 10.02 -3.87 -5.45
CA ASP A 143 11.06 -4.58 -6.19
C ASP A 143 10.49 -5.37 -7.37
N LYS A 144 9.32 -5.95 -7.19
CA LYS A 144 8.68 -6.68 -8.28
C LYS A 144 8.08 -5.72 -9.31
N ALA A 145 7.57 -4.59 -8.84
CA ALA A 145 6.81 -3.68 -9.71
C ALA A 145 7.65 -2.69 -10.50
N ARG A 146 8.92 -2.51 -10.10
CA ARG A 146 9.76 -1.45 -10.67
C ARG A 146 9.85 -1.49 -12.19
N LYS A 147 10.08 -2.68 -12.75
CA LYS A 147 10.18 -2.86 -14.19
C LYS A 147 8.93 -2.36 -14.92
N SER A 148 7.75 -2.77 -14.46
CA SER A 148 6.50 -2.37 -15.12
C SER A 148 6.18 -0.90 -14.87
N ILE A 149 6.58 -0.38 -13.71
CA ILE A 149 6.37 1.03 -13.42
C ILE A 149 7.13 1.87 -14.44
N ARG A 150 8.38 1.47 -14.71
CA ARG A 150 9.21 2.19 -15.69
C ARG A 150 8.68 2.11 -17.12
N LYS A 151 8.33 0.90 -17.57
CA LYS A 151 7.89 0.71 -18.95
C LYS A 151 6.52 1.33 -19.21
N LEU A 152 5.66 1.34 -18.20
CA LEU A 152 4.32 1.88 -18.36
C LEU A 152 4.28 3.37 -18.00
N ASP A 153 5.40 3.86 -17.46
CA ASP A 153 5.51 5.25 -17.01
C ASP A 153 4.34 5.63 -16.12
N GLU A 154 4.09 4.81 -15.11
CA GLU A 154 2.98 5.03 -14.19
C GLU A 154 3.15 4.13 -12.99
N ILE A 155 2.83 4.66 -11.81
CA ILE A 155 2.75 3.82 -10.63
C ILE A 155 1.33 3.89 -10.07
N VAL A 156 0.80 2.75 -9.63
CA VAL A 156 -0.51 2.74 -9.00
C VAL A 156 -0.37 2.47 -7.51
N LEU A 157 -0.96 3.33 -6.70
CA LEU A 157 -0.86 3.22 -5.25
C LEU A 157 -2.18 2.71 -4.67
N LEU A 158 -2.12 1.62 -3.93
CA LEU A 158 -3.30 1.07 -3.27
C LEU A 158 -3.19 1.29 -1.77
N GLU A 159 -4.24 0.93 -1.05
CA GLU A 159 -4.34 1.22 0.38
C GLU A 159 -3.58 0.22 1.24
N GLY A 160 -3.53 -1.04 0.81
CA GLY A 160 -2.91 -2.08 1.62
C GLY A 160 -2.25 -3.14 0.76
N PHE A 161 -1.30 -3.87 1.34
CA PHE A 161 -0.53 -4.84 0.58
C PHE A 161 -1.39 -6.00 0.06
N MET A 162 -2.49 -6.32 0.74
CA MET A 162 -3.35 -7.40 0.29
C MET A 162 -4.01 -7.06 -1.04
N ASP A 163 -4.38 -5.80 -1.21
CA ASP A 163 -4.93 -5.34 -2.48
C ASP A 163 -3.86 -5.41 -3.55
N VAL A 164 -2.62 -5.16 -3.17
CA VAL A 164 -1.51 -5.23 -4.11
C VAL A 164 -1.33 -6.66 -4.61
N ILE A 165 -1.31 -7.62 -3.70
CA ILE A 165 -1.13 -9.03 -4.08
C ILE A 165 -2.19 -9.46 -5.09
N LYS A 166 -3.45 -9.19 -4.76
CA LYS A 166 -4.57 -9.54 -5.62
C LYS A 166 -4.53 -8.86 -6.99
N SER A 167 -4.27 -7.55 -6.98
CA SER A 167 -4.20 -6.78 -8.22
C SER A 167 -3.09 -7.29 -9.14
N ASP A 168 -1.92 -7.54 -8.55
CA ASP A 168 -0.77 -8.06 -9.29
C ASP A 168 -1.13 -9.36 -9.99
N THR A 169 -1.76 -10.28 -9.24
CA THR A 169 -2.17 -11.57 -9.78
C THR A 169 -3.18 -11.41 -10.92
N ALA A 170 -4.04 -10.40 -10.79
CA ALA A 170 -5.08 -10.15 -11.79
C ALA A 170 -4.53 -9.51 -13.07
N GLY A 171 -3.26 -9.12 -13.06
CA GLY A 171 -2.62 -8.60 -14.26
C GLY A 171 -2.19 -7.15 -14.20
N LEU A 172 -2.46 -6.47 -13.09
CA LEU A 172 -2.03 -5.08 -12.91
C LEU A 172 -0.73 -5.07 -12.12
N LYS A 173 0.38 -4.90 -12.83
CA LYS A 173 1.70 -5.18 -12.27
C LYS A 173 2.39 -3.99 -11.62
N ASN A 174 1.99 -2.78 -12.00
CA ASN A 174 2.70 -1.59 -11.55
C ASN A 174 2.09 -0.98 -10.28
N VAL A 175 1.89 -1.83 -9.28
CA VAL A 175 1.19 -1.45 -8.06
C VAL A 175 2.05 -1.60 -6.80
N VAL A 176 1.87 -0.69 -5.85
CA VAL A 176 2.55 -0.75 -4.57
C VAL A 176 1.62 -0.25 -3.47
N ALA A 177 2.03 -0.39 -2.22
CA ALA A 177 1.28 0.16 -1.10
C ALA A 177 2.26 0.46 0.03
N THR A 178 1.93 1.42 0.87
CA THR A 178 2.71 1.62 2.08
C THR A 178 2.22 0.60 3.10
N MET A 179 2.95 0.44 4.18
CA MET A 179 2.53 -0.47 5.24
C MET A 179 1.64 0.23 6.25
N GLY A 180 0.49 0.71 5.80
CA GLY A 180 -0.52 1.27 6.68
C GLY A 180 -0.28 2.71 7.07
N THR A 181 0.69 3.36 6.42
CA THR A 181 1.04 4.74 6.76
C THR A 181 0.69 5.69 5.63
N GLN A 182 0.68 6.98 5.95
CA GLN A 182 0.54 8.00 4.92
C GLN A 182 1.81 8.02 4.07
N LEU A 183 1.64 8.22 2.77
CA LEU A 183 2.75 8.29 1.83
C LEU A 183 3.71 9.40 2.26
N SER A 184 4.98 9.05 2.45
CA SER A 184 5.97 9.97 3.02
C SER A 184 6.69 10.77 1.94
N ASP A 185 7.41 11.80 2.37
CA ASP A 185 8.25 12.58 1.47
C ASP A 185 9.33 11.69 0.84
N GLU A 186 9.86 10.78 1.64
CA GLU A 186 10.87 9.84 1.15
CA GLU A 186 10.87 9.84 1.14
C GLU A 186 10.29 8.94 0.05
N HIS A 187 9.08 8.44 0.28
CA HIS A 187 8.40 7.62 -0.71
C HIS A 187 8.26 8.39 -2.01
N ILE A 188 7.87 9.66 -1.90
CA ILE A 188 7.64 10.48 -3.09
C ILE A 188 8.95 10.72 -3.85
N THR A 189 10.03 10.91 -3.12
CA THR A 189 11.36 11.05 -3.72
C THR A 189 11.75 9.80 -4.50
N PHE A 190 11.50 8.62 -3.92
CA PHE A 190 11.75 7.35 -4.62
C PHE A 190 10.89 7.27 -5.87
N ILE A 191 9.60 7.54 -5.72
CA ILE A 191 8.66 7.45 -6.84
C ILE A 191 9.02 8.35 -8.03
N ARG A 192 9.40 9.60 -7.76
CA ARG A 192 9.77 10.54 -8.82
C ARG A 192 10.84 9.99 -9.77
N LYS A 193 11.77 9.20 -9.22
CA LYS A 193 12.87 8.66 -10.02
C LYS A 193 12.38 7.63 -11.02
N LEU A 194 11.20 7.07 -10.77
CA LEU A 194 10.66 6.02 -11.62
C LEU A 194 9.70 6.55 -12.66
N THR A 195 8.87 7.51 -12.25
CA THR A 195 7.80 8.02 -13.10
C THR A 195 7.25 9.31 -12.51
N SER A 196 6.64 10.13 -13.35
CA SER A 196 5.97 11.34 -12.88
C SER A 196 4.45 11.13 -12.82
N ASN A 197 4.00 9.95 -13.19
CA ASN A 197 2.57 9.64 -13.22
C ASN A 197 2.18 8.71 -12.08
N ILE A 198 1.29 9.16 -11.22
CA ILE A 198 0.81 8.34 -10.12
C ILE A 198 -0.72 8.29 -10.06
N THR A 199 -1.26 7.08 -10.06
CA THR A 199 -2.69 6.86 -9.99
C THR A 199 -3.06 6.30 -8.62
N LEU A 200 -4.02 6.93 -7.96
CA LEU A 200 -4.46 6.47 -6.64
C LEU A 200 -5.74 5.67 -6.76
N MET A 201 -5.72 4.45 -6.23
CA MET A 201 -6.91 3.62 -6.17
C MET A 201 -7.10 3.11 -4.76
N PHE A 202 -7.69 3.94 -3.92
CA PHE A 202 -7.97 3.57 -2.53
C PHE A 202 -9.37 2.98 -2.47
N ASP A 203 -9.79 2.55 -1.28
CA ASP A 203 -11.08 1.90 -1.13
C ASP A 203 -12.24 2.86 -1.45
N GLY A 204 -13.35 2.31 -1.88
CA GLY A 204 -14.49 3.11 -2.31
C GLY A 204 -15.40 3.53 -1.18
N ASP A 205 -14.81 4.03 -0.10
CA ASP A 205 -15.60 4.58 1.00
C ASP A 205 -15.11 5.96 1.39
N PHE A 206 -15.70 6.52 2.44
CA PHE A 206 -15.36 7.86 2.89
C PHE A 206 -13.90 8.01 3.28
N ALA A 207 -13.39 7.08 4.09
CA ALA A 207 -12.00 7.11 4.50
C ALA A 207 -11.08 7.09 3.28
N GLY A 208 -11.45 6.28 2.29
CA GLY A 208 -10.68 6.17 1.06
C GLY A 208 -10.65 7.48 0.30
N SER A 209 -11.80 8.12 0.15
CA SER A 209 -11.89 9.40 -0.54
CA SER A 209 -11.89 9.40 -0.54
C SER A 209 -11.05 10.45 0.18
N GLU A 210 -11.19 10.52 1.50
CA GLU A 210 -10.44 11.49 2.29
C GLU A 210 -8.94 11.30 2.13
N ALA A 211 -8.49 10.04 2.14
CA ALA A 211 -7.08 9.74 1.95
C ALA A 211 -6.64 10.04 0.53
N THR A 212 -7.55 9.87 -0.43
CA THR A 212 -7.24 10.20 -1.82
C THR A 212 -7.00 11.70 -1.96
N LEU A 213 -7.89 12.49 -1.36
CA LEU A 213 -7.75 13.94 -1.37
C LEU A 213 -6.45 14.39 -0.68
N LYS A 214 -6.16 13.82 0.49
CA LYS A 214 -4.98 14.25 1.23
C LYS A 214 -3.68 13.86 0.52
N THR A 215 -3.58 12.61 0.10
CA THR A 215 -2.40 12.11 -0.58
C THR A 215 -2.22 12.78 -1.95
N GLY A 216 -3.32 12.90 -2.68
CA GLY A 216 -3.29 13.51 -4.01
C GLY A 216 -2.83 14.95 -3.98
N GLN A 217 -3.33 15.71 -3.00
CA GLN A 217 -2.97 17.11 -2.87
C GLN A 217 -1.47 17.25 -2.64
N HIS A 218 -0.94 16.35 -1.83
CA HIS A 218 0.50 16.36 -1.51
C HIS A 218 1.32 16.03 -2.74
N LEU A 219 0.91 15.01 -3.49
CA LEU A 219 1.59 14.61 -4.72
C LEU A 219 1.55 15.71 -5.76
N LEU A 220 0.40 16.34 -5.90
CA LEU A 220 0.22 17.44 -6.83
C LEU A 220 1.16 18.59 -6.47
N GLN A 221 1.18 18.93 -5.18
CA GLN A 221 2.07 19.96 -4.66
C GLN A 221 3.53 19.65 -4.97
N GLN A 222 3.86 18.35 -5.00
CA GLN A 222 5.24 17.94 -5.26
C GLN A 222 5.60 17.84 -6.74
N GLY A 223 4.65 18.18 -7.62
CA GLY A 223 4.93 18.25 -9.04
C GLY A 223 4.66 16.97 -9.83
N LEU A 224 3.96 16.03 -9.21
CA LEU A 224 3.59 14.79 -9.88
C LEU A 224 2.29 14.98 -10.66
N ASN A 225 2.12 14.21 -11.73
CA ASN A 225 0.84 14.14 -12.42
C ASN A 225 -0.03 13.11 -11.70
N VAL A 226 -1.12 13.58 -11.10
CA VAL A 226 -1.94 12.72 -10.24
C VAL A 226 -3.26 12.31 -10.89
N PHE A 227 -3.55 11.02 -10.84
CA PHE A 227 -4.81 10.51 -11.36
C PHE A 227 -5.53 9.70 -10.29
N VAL A 228 -6.83 9.50 -10.47
CA VAL A 228 -7.63 8.79 -9.49
C VAL A 228 -8.56 7.79 -10.16
N ILE A 229 -8.59 6.57 -9.63
CA ILE A 229 -9.58 5.59 -10.02
C ILE A 229 -10.56 5.41 -8.85
N GLN A 230 -11.84 5.58 -9.13
CA GLN A 230 -12.85 5.50 -8.08
C GLN A 230 -13.55 4.14 -8.14
N LEU A 231 -13.31 3.31 -7.13
CA LEU A 231 -13.93 2.01 -7.03
C LEU A 231 -15.39 2.13 -6.60
N PRO A 232 -16.22 1.13 -6.94
CA PRO A 232 -17.62 1.09 -6.50
C PRO A 232 -17.70 1.19 -4.98
N SER A 233 -18.83 1.70 -4.48
CA SER A 233 -19.02 1.95 -3.05
C SER A 233 -18.75 0.71 -2.17
N GLY A 234 -17.94 0.90 -1.14
CA GLY A 234 -17.65 -0.15 -0.18
C GLY A 234 -16.71 -1.23 -0.67
N MET A 235 -16.06 -0.98 -1.81
CA MET A 235 -15.19 -1.99 -2.41
C MET A 235 -13.72 -1.60 -2.44
N ASP A 236 -12.86 -2.59 -2.16
CA ASP A 236 -11.42 -2.46 -2.39
C ASP A 236 -11.09 -3.32 -3.62
N PRO A 237 -9.85 -3.19 -4.16
CA PRO A 237 -9.52 -3.96 -5.36
C PRO A 237 -9.69 -5.47 -5.20
N ASP A 238 -9.32 -6.02 -4.05
CA ASP A 238 -9.50 -7.45 -3.79
C ASP A 238 -10.97 -7.86 -3.89
N GLU A 239 -11.87 -7.04 -3.35
CA GLU A 239 -13.30 -7.30 -3.40
C GLU A 239 -13.86 -7.16 -4.82
N TYR A 240 -13.30 -6.23 -5.59
CA TYR A 240 -13.73 -6.04 -6.97
C TYR A 240 -13.34 -7.25 -7.82
N ILE A 241 -12.12 -7.71 -7.65
CA ILE A 241 -11.61 -8.85 -8.41
C ILE A 241 -12.37 -10.12 -8.07
N GLY A 242 -12.71 -10.28 -6.80
CA GLY A 242 -13.46 -11.45 -6.35
C GLY A 242 -14.86 -11.49 -6.91
N LYS A 243 -15.45 -10.32 -7.15
CA LYS A 243 -16.83 -10.24 -7.61
C LYS A 243 -16.96 -10.26 -9.13
N TYR A 244 -16.06 -9.59 -9.83
CA TYR A 244 -16.21 -9.41 -11.28
C TYR A 244 -15.17 -10.16 -12.13
N GLY A 245 -14.08 -10.62 -11.52
CA GLY A 245 -13.05 -11.32 -12.25
C GLY A 245 -11.89 -10.45 -12.66
N ASN A 246 -10.85 -11.06 -13.23
CA ASN A 246 -9.63 -10.34 -13.61
C ASN A 246 -9.79 -9.40 -14.80
N ASP A 247 -10.45 -9.88 -15.85
CA ASP A 247 -10.64 -9.09 -17.05
C ASP A 247 -11.45 -7.83 -16.77
N ALA A 248 -12.47 -7.97 -15.93
CA ALA A 248 -13.32 -6.84 -15.56
C ALA A 248 -12.52 -5.81 -14.77
N PHE A 249 -11.59 -6.30 -13.94
CA PHE A 249 -10.77 -5.42 -13.13
C PHE A 249 -9.79 -4.61 -13.96
N THR A 250 -9.03 -5.28 -14.84
CA THR A 250 -8.02 -4.59 -15.64
C THR A 250 -8.65 -3.66 -16.66
N THR A 251 -9.91 -3.92 -17.00
CA THR A 251 -10.65 -3.03 -17.89
C THR A 251 -11.12 -1.80 -17.13
N PHE A 252 -11.64 -2.02 -15.93
CA PHE A 252 -12.15 -0.94 -15.08
C PHE A 252 -11.05 0.08 -14.76
N VAL A 253 -9.88 -0.43 -14.40
CA VAL A 253 -8.73 0.40 -14.06
C VAL A 253 -8.30 1.29 -15.23
N LYS A 254 -8.52 0.80 -16.44
CA LYS A 254 -8.11 1.50 -17.66
C LYS A 254 -9.21 2.46 -18.15
N ASN A 255 -10.39 2.36 -17.54
CA ASN A 255 -11.54 3.13 -17.98
C ASN A 255 -11.54 4.58 -17.46
N ASP A 256 -12.18 4.79 -16.32
CA ASP A 256 -12.29 6.14 -15.76
C ASP A 256 -11.08 6.52 -14.90
N LYS A 257 -10.01 6.98 -15.54
CA LYS A 257 -8.84 7.49 -14.85
C LYS A 257 -8.84 9.00 -14.97
N LYS A 258 -9.14 9.67 -13.86
CA LYS A 258 -9.34 11.12 -13.89
C LYS A 258 -8.22 11.89 -13.22
N SER A 259 -7.82 13.00 -13.84
CA SER A 259 -6.86 13.90 -13.22
C SER A 259 -7.39 14.31 -11.85
N PHE A 260 -6.48 14.55 -10.91
CA PHE A 260 -6.86 14.85 -9.53
C PHE A 260 -7.87 15.99 -9.38
N ALA A 261 -7.64 17.11 -10.08
CA ALA A 261 -8.54 18.25 -9.98
C ALA A 261 -9.99 17.88 -10.34
N HIS A 262 -10.15 17.07 -11.38
CA HIS A 262 -11.47 16.67 -11.83
C HIS A 262 -12.15 15.78 -10.79
N TYR A 263 -11.39 14.82 -10.26
CA TYR A 263 -11.89 13.97 -9.18
C TYR A 263 -12.30 14.79 -7.97
N LYS A 264 -11.44 15.72 -7.57
CA LYS A 264 -11.66 16.54 -6.38
C LYS A 264 -12.96 17.35 -6.46
N VAL A 265 -13.16 18.04 -7.59
CA VAL A 265 -14.35 18.86 -7.75
C VAL A 265 -15.62 18.01 -7.83
N SER A 266 -15.51 16.80 -8.37
CA SER A 266 -16.67 15.92 -8.44
C SER A 266 -17.11 15.53 -7.03
N ILE A 267 -16.14 15.35 -6.13
CA ILE A 267 -16.43 15.04 -4.74
C ILE A 267 -17.16 16.21 -4.07
N LEU A 268 -16.72 17.42 -4.38
CA LEU A 268 -17.23 18.63 -3.74
C LEU A 268 -18.47 19.20 -4.42
N LYS A 269 -18.98 18.50 -5.43
CA LYS A 269 -20.03 19.01 -6.30
C LYS A 269 -21.25 19.59 -5.59
N ASP A 270 -21.84 18.82 -4.68
CA ASP A 270 -23.08 19.23 -4.02
C ASP A 270 -22.87 20.42 -3.10
N GLU A 271 -21.79 20.38 -2.32
CA GLU A 271 -21.51 21.48 -1.42
C GLU A 271 -21.31 22.79 -2.20
N ILE A 272 -20.60 22.71 -3.32
CA ILE A 272 -20.40 23.87 -4.18
C ILE A 272 -21.74 24.41 -4.72
N ALA A 273 -22.63 23.51 -5.11
CA ALA A 273 -23.90 23.90 -5.69
C ALA A 273 -24.89 24.48 -4.67
N HIS A 274 -24.65 24.23 -3.38
CA HIS A 274 -25.62 24.63 -2.35
C HIS A 274 -25.12 25.71 -1.39
N ASN A 275 -23.81 25.76 -1.21
CA ASN A 275 -23.19 26.62 -0.20
C ASN A 275 -22.29 27.65 -0.89
N ASP A 276 -22.74 28.89 -0.95
CA ASP A 276 -22.03 29.95 -1.67
C ASP A 276 -20.67 30.29 -1.07
N LEU A 277 -20.53 30.13 0.24
CA LEU A 277 -19.24 30.34 0.88
C LEU A 277 -18.25 29.28 0.41
N SER A 278 -18.72 28.03 0.36
CA SER A 278 -17.91 26.93 -0.16
C SER A 278 -17.66 27.07 -1.65
N TYR A 279 -18.63 27.59 -2.38
CA TYR A 279 -18.47 27.86 -3.81
C TYR A 279 -17.23 28.71 -4.05
N GLU A 280 -17.16 29.85 -3.36
CA GLU A 280 -16.04 30.77 -3.53
C GLU A 280 -14.71 30.15 -3.12
N ARG A 281 -14.70 29.54 -1.93
CA ARG A 281 -13.48 28.94 -1.42
CA ARG A 281 -13.50 28.90 -1.38
C ARG A 281 -12.96 27.82 -2.31
N TYR A 282 -13.86 26.97 -2.80
CA TYR A 282 -13.44 25.86 -3.65
C TYR A 282 -13.07 26.28 -5.08
N LEU A 283 -13.64 27.39 -5.55
CA LEU A 283 -13.24 27.93 -6.85
CA LEU A 283 -13.24 27.93 -6.85
C LEU A 283 -11.79 28.40 -6.77
N LYS A 284 -11.44 29.04 -5.66
CA LYS A 284 -10.07 29.47 -5.45
C LYS A 284 -9.13 28.27 -5.28
N GLU A 285 -9.58 27.27 -4.51
CA GLU A 285 -8.80 26.05 -4.31
C GLU A 285 -8.52 25.34 -5.62
N LEU A 286 -9.57 25.09 -6.39
CA LEU A 286 -9.43 24.36 -7.64
C LEU A 286 -8.58 25.13 -8.64
N SER A 287 -8.69 26.46 -8.62
CA SER A 287 -7.82 27.32 -9.43
C SER A 287 -6.36 27.10 -9.05
N HIS A 288 -6.10 27.06 -7.74
CA HIS A 288 -4.75 26.81 -7.27
C HIS A 288 -4.27 25.42 -7.65
N ASP A 289 -5.13 24.42 -7.47
CA ASP A 289 -4.80 23.04 -7.83
C ASP A 289 -4.39 22.94 -9.29
N ILE A 290 -5.22 23.51 -10.17
CA ILE A 290 -4.95 23.46 -11.60
C ILE A 290 -3.64 24.17 -11.95
N SER A 291 -3.35 25.26 -11.24
CA SER A 291 -2.12 26.02 -11.47
C SER A 291 -0.87 25.20 -11.14
N LEU A 292 -1.02 24.17 -10.31
CA LEU A 292 0.11 23.33 -9.91
C LEU A 292 0.44 22.24 -10.94
N MET A 293 -0.50 21.96 -11.83
CA MET A 293 -0.33 20.89 -12.81
C MET A 293 0.75 21.21 -13.85
N LYS A 294 1.78 20.37 -13.90
CA LYS A 294 2.93 20.59 -14.79
C LYS A 294 2.59 20.33 -16.25
N SER A 295 1.70 19.38 -16.50
CA SER A 295 1.31 19.05 -17.86
C SER A 295 0.40 20.11 -18.47
N SER A 296 0.91 20.82 -19.48
CA SER A 296 0.12 21.83 -20.18
C SER A 296 -1.14 21.21 -20.77
N ILE A 297 -1.00 20.02 -21.35
CA ILE A 297 -2.13 19.31 -21.93
C ILE A 297 -3.21 18.98 -20.89
N LEU A 298 -2.82 18.38 -19.78
CA LEU A 298 -3.79 17.98 -18.77
C LEU A 298 -4.36 19.17 -18.02
N GLN A 299 -3.57 20.24 -17.92
CA GLN A 299 -4.03 21.47 -17.28
C GLN A 299 -5.20 22.07 -18.06
N GLN A 300 -5.06 22.15 -19.38
CA GLN A 300 -6.11 22.69 -20.22
C GLN A 300 -7.36 21.82 -20.15
N LYS A 301 -7.19 20.50 -20.14
CA LYS A 301 -8.33 19.60 -20.03
C LYS A 301 -9.05 19.71 -18.68
N ALA A 302 -8.30 19.86 -17.60
CA ALA A 302 -8.91 20.00 -16.28
C ALA A 302 -9.73 21.27 -16.18
N ILE A 303 -9.25 22.34 -16.81
CA ILE A 303 -10.01 23.59 -16.87
C ILE A 303 -11.35 23.34 -17.52
N ASN A 304 -11.34 22.67 -18.67
CA ASN A 304 -12.57 22.31 -19.36
C ASN A 304 -13.49 21.44 -18.51
N ASP A 305 -12.90 20.50 -17.76
CA ASP A 305 -13.68 19.55 -16.96
C ASP A 305 -14.21 20.12 -15.66
N VAL A 306 -13.47 21.07 -15.09
CA VAL A 306 -13.83 21.62 -13.77
C VAL A 306 -14.80 22.81 -13.87
N ALA A 307 -14.64 23.63 -14.90
CA ALA A 307 -15.49 24.82 -15.08
C ALA A 307 -17.00 24.60 -14.91
N PRO A 308 -17.58 23.54 -15.54
CA PRO A 308 -19.02 23.35 -15.39
C PRO A 308 -19.49 23.19 -13.95
N PHE A 309 -18.66 22.62 -13.09
CA PHE A 309 -19.05 22.45 -11.68
C PHE A 309 -19.32 23.78 -10.98
N PHE A 310 -18.76 24.87 -11.53
CA PHE A 310 -18.98 26.20 -10.96
C PHE A 310 -19.90 27.06 -11.82
N ASN A 311 -20.44 26.46 -12.88
CA ASN A 311 -21.28 27.19 -13.83
C ASN A 311 -20.57 28.43 -14.37
N VAL A 312 -19.30 28.24 -14.74
CA VAL A 312 -18.53 29.28 -15.40
C VAL A 312 -17.97 28.71 -16.69
N SER A 313 -17.52 29.58 -17.59
CA SER A 313 -16.92 29.13 -18.83
C SER A 313 -15.47 28.74 -18.59
N PRO A 314 -14.92 27.86 -19.45
CA PRO A 314 -13.49 27.51 -19.33
C PRO A 314 -12.61 28.75 -19.37
N GLU A 315 -13.02 29.76 -20.14
CA GLU A 315 -12.25 31.00 -20.24
C GLU A 315 -12.25 31.77 -18.91
N GLN A 316 -13.39 31.80 -18.23
CA GLN A 316 -13.49 32.46 -16.94
C GLN A 316 -12.62 31.75 -15.89
N LEU A 317 -12.65 30.43 -15.91
CA LEU A 317 -11.82 29.66 -14.98
C LEU A 317 -10.33 29.88 -15.27
N ALA A 318 -9.96 29.92 -16.55
CA ALA A 318 -8.57 30.16 -16.93
C ALA A 318 -8.08 31.51 -16.41
N ASN A 319 -8.95 32.51 -16.47
CA ASN A 319 -8.62 33.85 -16.00
C ASN A 319 -8.41 33.89 -14.50
N GLU A 320 -9.21 33.11 -13.77
CA GLU A 320 -9.12 33.04 -12.32
C GLU A 320 -7.80 32.38 -11.92
N ILE A 321 -7.36 31.44 -12.74
CA ILE A 321 -6.09 30.76 -12.52
C ILE A 321 -4.92 31.68 -12.87
C1 BEN B . 11.99 -26.86 6.76
C2 BEN B . 12.52 -25.71 6.17
C3 BEN B . 13.05 -24.70 6.97
C4 BEN B . 13.04 -24.83 8.36
C5 BEN B . 12.50 -25.97 8.94
C6 BEN B . 11.98 -26.99 8.15
C BEN B . 11.47 -27.88 5.95
N1 BEN B . 11.08 -27.64 4.72
N2 BEN B . 11.34 -29.12 6.42
PB G4P C . -8.67 -7.72 4.72
O1B G4P C . -10.03 -7.74 5.41
O2B G4P C . -7.73 -8.85 5.20
O3B G4P C . -8.69 -7.67 3.20
O3A G4P C . -7.96 -6.36 5.20
PA G4P C . -8.22 -4.85 4.69
O1A G4P C . -6.91 -4.20 4.28
O2A G4P C . -9.37 -4.73 3.73
O5' G4P C . -8.57 -4.16 6.06
C5' G4P C . -9.22 -2.91 6.15
C4' G4P C . -10.67 -3.14 6.51
O4' G4P C . -10.65 -3.98 7.70
C3' G4P C . -11.46 -1.90 6.99
O3' G4P C . -12.84 -1.63 6.64
C2' G4P C . -10.96 -1.68 8.43
O2' G4P C . -11.72 -0.88 9.29
C1' G4P C . -10.80 -3.14 8.89
N9 G4P C . -9.63 -3.21 9.80
C8 G4P C . -8.31 -2.80 9.57
N7 G4P C . -7.51 -3.00 10.58
C5 G4P C . -8.33 -3.59 11.53
C6 G4P C . -8.01 -4.03 12.82
O6 G4P C . -6.90 -3.97 13.38
N1 G4P C . -9.15 -4.57 13.49
C2 G4P C . -10.43 -4.65 12.94
N2 G4P C . -11.42 -5.22 13.73
N3 G4P C . -10.72 -4.24 11.71
C4 G4P C . -9.64 -3.73 11.07
PC G4P C . -13.42 -0.10 6.67
O1C G4P C . -14.53 -0.09 7.74
O2C G4P C . -13.77 0.28 5.28
O3C G4P C . -12.23 0.80 7.20
PD G4P C . -12.33 2.36 7.02
O1D G4P C . -12.03 2.68 5.57
O2D G4P C . -11.46 3.10 8.06
O3D G4P C . -13.91 2.63 7.34
MN MN D . -9.80 -6.15 1.70
MN MN E . -11.80 1.04 3.68
#